data_8QM5
#
_entry.id   8QM5
#
_cell.length_a   47.124
_cell.length_b   68.877
_cell.length_c   63.729
_cell.angle_alpha   90.00
_cell.angle_beta   96.57
_cell.angle_gamma   90.00
#
_symmetry.space_group_name_H-M   'P 1 21 1'
#
loop_
_entity.id
_entity.type
_entity.pdbx_description
1 polymer 'Eukaryotic translation initiation factor 4E'
2 non-polymer '1-(4-chlorophenyl)cyclopentane-1-carboxylic acid'
3 non-polymer 'TRIETHYLENE GLYCOL'
4 water water
#
_entity_poly.entity_id   1
_entity_poly.type   'polypeptide(L)'
_entity_poly.pdbx_seq_one_letter_code
;MHHHHHHGARIIYDRAFLMACRGGGGENLYFQGKHPLQNRWALWFFKNDKSKTWQANLRLISKFDTVEDFWALYNHIQLS
SNLMPGCDYSLFKDGIEPMWEDEKNKRGGRWLITLNKQQRRSDLNRFWLETLLCLIGESFDDYSDDVCGAVVNVRAKGDK
IAIWTTECENREAVTHIGRVYKERLGLPPKIVIGYQSHADTATKSGSTTKNRFVV
;
_entity_poly.pdbx_strand_id   A,B
#
# COMPACT_ATOMS: atom_id res chain seq x y z
N ALA A 9 -14.04 -23.13 -10.87
CA ALA A 9 -14.70 -23.27 -9.55
C ALA A 9 -13.96 -22.40 -8.53
N ARG A 10 -14.69 -21.92 -7.52
CA ARG A 10 -14.15 -21.00 -6.52
C ARG A 10 -13.24 -21.78 -5.59
N ILE A 11 -12.10 -21.20 -5.22
CA ILE A 11 -11.23 -21.80 -4.22
C ILE A 11 -11.80 -21.50 -2.79
N ILE A 12 -12.40 -22.52 -2.15
CA ILE A 12 -13.00 -22.40 -0.85
C ILE A 12 -12.25 -23.25 0.19
N TYR A 13 -11.85 -22.65 1.31
CA TYR A 13 -11.17 -23.36 2.39
C TYR A 13 -11.95 -23.20 3.69
N ASP A 14 -12.19 -24.31 4.40
CA ASP A 14 -12.79 -24.24 5.71
C ASP A 14 -11.75 -23.96 6.79
N ARG A 15 -12.24 -23.65 7.99
CA ARG A 15 -11.39 -23.29 9.13
C ARG A 15 -10.35 -24.38 9.46
N ALA A 16 -10.77 -25.66 9.51
CA ALA A 16 -9.84 -26.76 9.84
C ALA A 16 -8.68 -26.87 8.85
N PHE A 17 -8.96 -26.72 7.57
CA PHE A 17 -7.95 -26.78 6.55
C PHE A 17 -6.99 -25.63 6.69
N LEU A 18 -7.50 -24.42 6.91
CA LEU A 18 -6.64 -23.23 7.01
C LEU A 18 -5.73 -23.37 8.24
N MET A 19 -6.29 -23.85 9.36
CA MET A 19 -5.52 -24.14 10.57
C MET A 19 -4.45 -25.22 10.38
N ALA A 20 -4.73 -26.29 9.61
CA ALA A 20 -3.74 -27.33 9.21
C ALA A 20 -2.52 -26.78 8.44
N CYS A 21 -2.69 -25.73 7.57
CA CYS A 21 -1.61 -25.02 6.84
C CYS A 21 -0.76 -24.08 7.66
N ARG A 22 -1.10 -23.89 8.91
CA ARG A 22 -0.41 -22.94 9.74
C ARG A 22 0.86 -23.56 10.34
N GLY A 23 1.84 -22.71 10.58
CA GLY A 23 2.97 -23.09 11.43
C GLY A 23 3.99 -23.99 10.77
N GLY A 24 4.27 -23.75 9.49
CA GLY A 24 5.25 -24.53 8.75
C GLY A 24 4.73 -25.92 8.38
N GLY A 25 5.66 -26.88 8.24
CA GLY A 25 5.38 -28.19 7.67
C GLY A 25 6.31 -28.54 6.52
N GLY A 26 6.00 -28.07 5.29
CA GLY A 26 6.62 -28.60 4.07
C GLY A 26 7.29 -27.62 3.12
N GLU A 27 8.33 -28.11 2.40
CA GLU A 27 9.03 -27.33 1.38
C GLU A 27 8.08 -27.04 0.22
N ASN A 28 8.19 -25.83 -0.34
CA ASN A 28 7.34 -25.40 -1.44
C ASN A 28 7.91 -25.98 -2.77
N LEU A 29 7.72 -27.29 -3.01
CA LEU A 29 8.45 -27.92 -4.12
C LEU A 29 7.84 -27.46 -5.42
N TYR A 30 8.68 -27.15 -6.37
CA TYR A 30 8.26 -26.71 -7.69
C TYR A 30 7.52 -25.37 -7.66
N PHE A 31 7.58 -24.60 -6.53
CA PHE A 31 6.69 -23.45 -6.29
C PHE A 31 5.23 -23.78 -6.48
N GLN A 32 4.86 -25.02 -6.12
CA GLN A 32 3.50 -25.53 -6.26
C GLN A 32 3.01 -26.19 -4.95
N GLY A 33 3.71 -25.99 -3.84
CA GLY A 33 3.30 -26.54 -2.54
C GLY A 33 2.46 -25.57 -1.72
N LYS A 34 2.44 -24.25 -2.04
CA LYS A 34 1.56 -23.31 -1.36
C LYS A 34 0.12 -23.40 -1.88
N HIS A 35 -0.87 -23.22 -0.99
CA HIS A 35 -2.30 -23.31 -1.31
C HIS A 35 -2.77 -21.94 -1.79
N PRO A 36 -3.15 -21.76 -3.08
CA PRO A 36 -3.61 -20.43 -3.53
C PRO A 36 -4.97 -20.03 -2.99
N LEU A 37 -5.12 -18.74 -2.77
CA LEU A 37 -6.38 -18.12 -2.43
C LEU A 37 -7.16 -17.70 -3.67
N GLN A 38 -8.45 -17.61 -3.58
CA GLN A 38 -9.31 -17.07 -4.64
C GLN A 38 -8.90 -15.63 -5.02
N ASN A 39 -8.57 -14.85 -3.99
CA ASN A 39 -8.27 -13.40 -4.15
C ASN A 39 -6.92 -13.11 -3.61
N ARG A 40 -6.29 -12.09 -4.15
CA ARG A 40 -5.14 -11.43 -3.47
C ARG A 40 -5.71 -10.39 -2.46
N TRP A 41 -5.08 -10.28 -1.29
CA TRP A 41 -5.53 -9.49 -0.14
C TRP A 41 -4.40 -8.54 0.30
N ALA A 42 -4.74 -7.40 0.84
CA ALA A 42 -3.82 -6.42 1.34
C ALA A 42 -4.17 -6.16 2.78
N LEU A 43 -3.15 -6.22 3.62
CA LEU A 43 -3.26 -5.83 5.01
C LEU A 43 -2.83 -4.35 5.16
N TRP A 44 -3.67 -3.55 5.74
CA TRP A 44 -3.49 -2.15 6.03
C TRP A 44 -3.43 -1.89 7.53
N PHE A 45 -2.75 -0.83 7.89
CA PHE A 45 -2.64 -0.35 9.24
C PHE A 45 -2.83 1.16 9.29
N PHE A 46 -3.51 1.63 10.31
CA PHE A 46 -3.61 3.03 10.65
C PHE A 46 -2.80 3.30 11.93
N LYS A 47 -1.80 4.21 11.84
CA LYS A 47 -0.95 4.61 12.99
C LYS A 47 -1.63 5.76 13.75
N ASN A 48 -1.62 5.73 15.11
CA ASN A 48 -2.20 6.83 15.91
C ASN A 48 -1.09 7.87 16.18
N ASP A 49 -0.40 8.30 15.13
CA ASP A 49 0.71 9.23 15.21
C ASP A 49 0.28 10.66 14.92
N LYS A 50 0.02 11.45 15.96
CA LYS A 50 -0.46 12.81 15.79
C LYS A 50 0.63 13.80 15.31
N SER A 51 1.91 13.39 15.22
CA SER A 51 2.91 14.20 14.51
C SER A 51 2.70 14.14 12.97
N LYS A 52 1.87 13.20 12.46
CA LYS A 52 1.58 13.05 11.04
C LYS A 52 0.09 13.21 10.73
N THR A 53 -0.26 13.50 9.48
CA THR A 53 -1.66 13.58 9.01
C THR A 53 -2.27 12.14 8.79
N TRP A 54 -3.59 12.01 8.60
CA TRP A 54 -4.24 10.68 8.57
C TRP A 54 -3.97 9.98 7.24
N GLN A 55 -3.84 10.75 6.14
CA GLN A 55 -3.39 10.17 4.87
C GLN A 55 -1.96 9.60 5.05
N ALA A 56 -1.05 10.31 5.77
CA ALA A 56 0.27 9.80 6.09
C ALA A 56 0.20 8.58 7.00
N ASN A 57 -0.77 8.53 7.92
CA ASN A 57 -0.80 7.43 8.90
C ASN A 57 -1.49 6.16 8.39
N LEU A 58 -2.24 6.21 7.28
CA LEU A 58 -2.79 4.99 6.69
C LEU A 58 -1.72 4.38 5.76
N ARG A 59 -1.34 3.17 6.08
CA ARG A 59 -0.26 2.43 5.45
C ARG A 59 -0.68 1.03 4.98
N LEU A 60 -0.24 0.65 3.78
CA LEU A 60 -0.35 -0.72 3.29
C LEU A 60 0.88 -1.54 3.69
N ILE A 61 0.69 -2.56 4.56
CA ILE A 61 1.73 -3.37 5.20
C ILE A 61 2.25 -4.39 4.21
N SER A 62 1.36 -5.23 3.65
CA SER A 62 1.78 -6.29 2.76
C SER A 62 0.56 -6.86 1.98
N LYS A 63 0.86 -7.50 0.86
CA LYS A 63 -0.15 -8.20 0.07
C LYS A 63 0.22 -9.67 -0.04
N PHE A 64 -0.78 -10.57 -0.11
CA PHE A 64 -0.55 -11.99 -0.18
C PHE A 64 -1.69 -12.65 -0.96
N ASP A 65 -1.40 -13.84 -1.53
CA ASP A 65 -2.40 -14.63 -2.27
C ASP A 65 -2.29 -16.13 -2.13
N THR A 66 -1.64 -16.59 -1.07
CA THR A 66 -1.70 -17.99 -0.65
C THR A 66 -1.96 -18.07 0.88
N VAL A 67 -2.43 -19.23 1.33
CA VAL A 67 -2.71 -19.55 2.73
C VAL A 67 -1.44 -19.38 3.57
N GLU A 68 -0.30 -19.89 3.05
CA GLU A 68 0.95 -19.92 3.79
C GLU A 68 1.54 -18.52 3.94
N ASP A 69 1.39 -17.66 2.92
CA ASP A 69 1.81 -16.27 3.02
C ASP A 69 0.92 -15.50 4.01
N PHE A 70 -0.37 -15.84 4.06
CA PHE A 70 -1.28 -15.29 5.08
C PHE A 70 -0.74 -15.57 6.49
N TRP A 71 -0.46 -16.87 6.80
CA TRP A 71 -0.01 -17.24 8.11
C TRP A 71 1.32 -16.60 8.47
N ALA A 72 2.26 -16.47 7.54
CA ALA A 72 3.57 -15.88 7.83
C ALA A 72 3.38 -14.41 8.19
N LEU A 73 2.50 -13.70 7.45
CA LEU A 73 2.17 -12.33 7.81
C LEU A 73 1.47 -12.22 9.17
N TYR A 74 0.40 -13.03 9.39
CA TYR A 74 -0.37 -13.01 10.62
C TYR A 74 0.53 -13.30 11.82
N ASN A 75 1.37 -14.31 11.72
CA ASN A 75 2.32 -14.69 12.80
C ASN A 75 3.30 -13.55 13.11
N HIS A 76 3.81 -12.90 12.08
CA HIS A 76 4.74 -11.77 12.21
C HIS A 76 4.13 -10.58 12.92
N ILE A 77 2.89 -10.18 12.54
CA ILE A 77 2.16 -9.05 13.17
C ILE A 77 1.75 -9.40 14.61
N GLN A 78 1.33 -10.63 14.81
CA GLN A 78 0.87 -11.08 16.11
C GLN A 78 2.02 -11.02 17.15
N LEU A 79 3.23 -11.54 16.76
CA LEU A 79 4.50 -11.38 17.50
C LEU A 79 4.88 -9.93 17.80
N SER A 80 4.73 -9.05 16.79
CA SER A 80 5.19 -7.66 16.86
C SER A 80 4.12 -6.69 17.37
N SER A 81 3.01 -7.21 17.91
CA SER A 81 1.79 -6.44 18.12
C SER A 81 1.95 -5.34 19.16
N ASN A 82 1.76 -4.09 18.73
CA ASN A 82 1.67 -2.95 19.62
C ASN A 82 0.20 -2.90 20.19
N LEU A 83 -0.84 -3.14 19.35
CA LEU A 83 -2.26 -3.19 19.80
C LEU A 83 -2.65 -1.88 20.48
N MET A 84 -2.24 -0.77 19.88
CA MET A 84 -2.29 0.51 20.53
C MET A 84 -3.65 1.14 20.34
N PRO A 85 -4.17 1.87 21.34
CA PRO A 85 -5.46 2.56 21.14
C PRO A 85 -5.34 3.59 20.02
N GLY A 86 -6.40 3.71 19.23
CA GLY A 86 -6.39 4.50 18.00
C GLY A 86 -5.92 3.77 16.75
N CYS A 87 -5.38 2.54 16.87
N CYS A 87 -5.38 2.54 16.90
CA CYS A 87 -4.85 1.83 15.70
CA CYS A 87 -4.92 1.78 15.73
C CYS A 87 -5.89 0.89 15.08
C CYS A 87 -6.14 1.17 15.00
N ASP A 88 -5.90 0.82 13.75
CA ASP A 88 -6.78 -0.02 13.00
C ASP A 88 -5.86 -0.97 12.22
N TYR A 89 -6.38 -2.13 12.01
CA TYR A 89 -5.90 -2.98 10.95
C TYR A 89 -7.09 -3.25 10.06
N SER A 90 -6.81 -3.43 8.80
CA SER A 90 -7.82 -3.77 7.80
C SER A 90 -7.25 -4.80 6.83
N LEU A 91 -8.04 -5.78 6.42
CA LEU A 91 -7.68 -6.68 5.39
C LEU A 91 -8.68 -6.54 4.27
N PHE A 92 -8.23 -6.03 3.10
CA PHE A 92 -9.13 -5.80 1.95
C PHE A 92 -8.67 -6.49 0.70
N LYS A 93 -9.62 -6.82 -0.16
CA LYS A 93 -9.28 -7.37 -1.46
C LYS A 93 -8.36 -6.37 -2.22
N ASP A 94 -7.41 -6.91 -2.95
CA ASP A 94 -6.43 -6.11 -3.70
C ASP A 94 -7.18 -5.11 -4.60
N GLY A 95 -6.79 -3.81 -4.54
CA GLY A 95 -7.49 -2.78 -5.31
C GLY A 95 -8.62 -2.09 -4.61
N ILE A 96 -8.94 -2.46 -3.36
CA ILE A 96 -9.94 -1.73 -2.58
C ILE A 96 -9.26 -1.06 -1.40
N GLU A 97 -9.40 0.28 -1.30
CA GLU A 97 -8.91 0.99 -0.14
C GLU A 97 -9.88 0.83 1.05
N PRO A 98 -9.36 0.73 2.28
CA PRO A 98 -10.22 0.54 3.45
C PRO A 98 -10.88 1.86 3.91
N MET A 99 -11.54 2.55 2.99
CA MET A 99 -12.18 3.85 3.16
C MET A 99 -13.56 3.77 2.45
N TRP A 100 -14.58 4.28 3.10
CA TRP A 100 -15.95 4.06 2.64
C TRP A 100 -16.21 4.77 1.32
N GLU A 101 -15.43 5.83 0.97
CA GLU A 101 -15.54 6.56 -0.26
C GLU A 101 -14.99 5.81 -1.44
N ASP A 102 -14.19 4.69 -1.26
CA ASP A 102 -13.75 3.85 -2.38
C ASP A 102 -14.99 3.41 -3.22
N GLU A 103 -14.82 3.33 -4.53
CA GLU A 103 -15.90 2.95 -5.48
C GLU A 103 -16.59 1.62 -5.03
N LYS A 104 -15.79 0.67 -4.55
CA LYS A 104 -16.30 -0.63 -4.08
C LYS A 104 -16.92 -0.60 -2.70
N ASN A 105 -16.79 0.47 -1.93
CA ASN A 105 -17.38 0.63 -0.61
C ASN A 105 -18.53 1.62 -0.55
N LYS A 106 -18.58 2.61 -1.44
CA LYS A 106 -19.51 3.73 -1.27
C LYS A 106 -20.96 3.33 -1.22
N ARG A 107 -21.34 2.31 -1.96
CA ARG A 107 -22.71 1.80 -1.94
C ARG A 107 -22.95 0.67 -0.96
N GLY A 108 -21.98 0.40 -0.10
CA GLY A 108 -22.00 -0.74 0.74
C GLY A 108 -22.27 -0.40 2.17
N GLY A 109 -21.84 -1.32 3.02
CA GLY A 109 -22.00 -1.24 4.45
C GLY A 109 -21.18 -2.33 5.14
N ARG A 110 -21.51 -2.57 6.41
CA ARG A 110 -20.71 -3.44 7.26
C ARG A 110 -21.58 -4.17 8.25
N TRP A 111 -21.27 -5.45 8.47
CA TRP A 111 -21.69 -6.25 9.62
C TRP A 111 -20.75 -5.96 10.78
N LEU A 112 -21.29 -5.41 11.88
CA LEU A 112 -20.46 -4.85 12.97
C LEU A 112 -20.62 -5.63 14.24
N ILE A 113 -19.49 -5.96 14.88
CA ILE A 113 -19.37 -6.62 16.18
C ILE A 113 -18.73 -5.57 17.11
N THR A 114 -19.35 -5.15 18.25
CA THR A 114 -18.62 -4.25 19.20
C THR A 114 -18.30 -5.00 20.46
N LEU A 115 -17.09 -4.87 20.93
CA LEU A 115 -16.59 -5.55 22.09
C LEU A 115 -16.30 -4.52 23.21
N ASN A 116 -16.70 -4.82 24.49
CA ASN A 116 -16.38 -3.96 25.63
C ASN A 116 -14.90 -4.13 26.03
N LYS A 117 -14.31 -3.09 26.65
CA LYS A 117 -12.94 -3.08 27.20
C LYS A 117 -12.39 -4.45 27.70
N GLN A 118 -13.13 -5.19 28.54
CA GLN A 118 -12.63 -6.46 29.11
C GLN A 118 -12.62 -7.60 28.07
N GLN A 119 -13.55 -7.56 27.09
CA GLN A 119 -13.50 -8.49 25.97
C GLN A 119 -12.26 -8.34 25.11
N ARG A 120 -11.43 -7.29 25.30
CA ARG A 120 -10.17 -7.14 24.56
C ARG A 120 -9.25 -8.35 24.85
N ARG A 121 -9.17 -8.73 26.14
CA ARG A 121 -8.42 -9.89 26.56
C ARG A 121 -9.12 -11.19 26.12
N SER A 122 -10.45 -11.34 26.31
CA SER A 122 -11.08 -12.62 26.02
C SER A 122 -11.28 -12.86 24.51
N ASP A 123 -11.92 -11.92 23.78
CA ASP A 123 -12.49 -12.21 22.47
C ASP A 123 -11.84 -11.52 21.24
N LEU A 124 -11.01 -10.46 21.44
CA LEU A 124 -10.54 -9.69 20.30
C LEU A 124 -9.71 -10.56 19.33
N ASN A 125 -8.66 -11.22 19.83
CA ASN A 125 -7.76 -12.01 19.00
C ASN A 125 -8.50 -13.15 18.25
N ARG A 126 -9.35 -13.88 18.95
CA ARG A 126 -10.10 -14.97 18.34
C ARG A 126 -11.10 -14.42 17.29
N PHE A 127 -11.87 -13.39 17.60
CA PHE A 127 -12.83 -12.84 16.65
C PHE A 127 -12.16 -12.26 15.42
N TRP A 128 -11.01 -11.60 15.58
CA TRP A 128 -10.29 -11.07 14.42
C TRP A 128 -9.82 -12.20 13.52
N LEU A 129 -9.22 -13.25 14.10
CA LEU A 129 -8.73 -14.37 13.29
C LEU A 129 -9.88 -15.08 12.56
N GLU A 130 -10.98 -15.35 13.26
CA GLU A 130 -12.10 -16.04 12.65
C GLU A 130 -12.66 -15.17 11.42
N THR A 131 -12.67 -13.87 11.60
CA THR A 131 -13.08 -12.93 10.54
C THR A 131 -12.16 -13.09 9.31
N LEU A 132 -10.84 -13.03 9.54
CA LEU A 132 -9.81 -13.15 8.47
C LEU A 132 -9.99 -14.51 7.73
N LEU A 133 -10.22 -15.63 8.47
CA LEU A 133 -10.42 -16.92 7.88
C LEU A 133 -11.67 -17.01 7.00
N CYS A 134 -12.74 -16.35 7.38
CA CYS A 134 -13.97 -16.22 6.54
C CYS A 134 -13.67 -15.51 5.23
N LEU A 135 -12.84 -14.45 5.29
CA LEU A 135 -12.50 -13.68 4.09
C LEU A 135 -11.64 -14.51 3.14
N ILE A 136 -10.48 -14.95 3.62
CA ILE A 136 -9.51 -15.58 2.75
C ILE A 136 -10.02 -16.95 2.23
N GLY A 137 -10.80 -17.66 3.05
CA GLY A 137 -11.34 -18.95 2.71
C GLY A 137 -12.61 -18.91 1.89
N GLU A 138 -13.15 -17.70 1.56
CA GLU A 138 -14.35 -17.56 0.70
C GLU A 138 -15.53 -18.32 1.27
N SER A 139 -15.81 -18.05 2.55
CA SER A 139 -16.74 -18.81 3.39
C SER A 139 -18.19 -18.54 3.04
N PHE A 140 -18.49 -17.54 2.21
CA PHE A 140 -19.85 -17.11 1.95
C PHE A 140 -20.35 -17.60 0.55
N ASP A 141 -19.70 -18.62 -0.06
CA ASP A 141 -19.98 -19.18 -1.41
C ASP A 141 -19.94 -18.07 -2.51
N ASP A 142 -20.96 -17.94 -3.40
CA ASP A 142 -20.92 -16.90 -4.43
C ASP A 142 -21.01 -15.50 -3.82
N TYR A 143 -21.68 -15.37 -2.65
CA TYR A 143 -21.77 -14.10 -1.94
C TYR A 143 -20.46 -13.59 -1.39
N SER A 144 -19.38 -14.40 -1.39
CA SER A 144 -18.07 -13.91 -1.00
C SER A 144 -17.60 -12.81 -1.96
N ASP A 145 -18.10 -12.79 -3.22
CA ASP A 145 -17.82 -11.71 -4.15
C ASP A 145 -18.30 -10.36 -3.62
N ASP A 146 -19.33 -10.33 -2.75
CA ASP A 146 -19.84 -9.07 -2.19
C ASP A 146 -18.89 -8.52 -1.10
N VAL A 147 -17.95 -9.32 -0.56
CA VAL A 147 -17.10 -8.86 0.56
C VAL A 147 -16.03 -7.99 0.00
N CYS A 148 -15.78 -6.93 0.63
CA CYS A 148 -14.68 -6.05 0.34
C CYS A 148 -13.47 -6.30 1.21
N GLY A 149 -13.73 -6.45 2.50
CA GLY A 149 -12.71 -6.61 3.51
C GLY A 149 -13.27 -6.59 4.92
N ALA A 150 -12.33 -6.52 5.90
CA ALA A 150 -12.66 -6.45 7.33
C ALA A 150 -11.77 -5.45 8.02
N VAL A 151 -12.29 -4.87 9.09
CA VAL A 151 -11.62 -3.81 9.84
C VAL A 151 -11.70 -4.15 11.33
N VAL A 152 -10.60 -4.01 12.03
CA VAL A 152 -10.56 -4.01 13.48
C VAL A 152 -10.10 -2.62 13.97
N ASN A 153 -10.94 -1.99 14.80
CA ASN A 153 -10.65 -0.69 15.44
C ASN A 153 -10.39 -0.98 16.91
N VAL A 154 -9.18 -0.70 17.36
CA VAL A 154 -8.79 -0.96 18.74
C VAL A 154 -8.96 0.37 19.46
N ARG A 155 -9.89 0.43 20.43
CA ARG A 155 -10.17 1.68 21.15
C ARG A 155 -10.20 1.49 22.65
N ALA A 156 -10.01 2.61 23.37
CA ALA A 156 -10.07 2.67 24.83
C ALA A 156 -11.46 2.18 25.34
N LYS A 157 -12.56 2.74 24.81
CA LYS A 157 -13.93 2.48 25.23
C LYS A 157 -14.42 1.08 24.85
N GLY A 158 -13.89 0.51 23.76
CA GLY A 158 -14.23 -0.84 23.33
C GLY A 158 -13.98 -1.06 21.85
N ASP A 159 -13.54 -2.28 21.50
CA ASP A 159 -13.06 -2.64 20.16
C ASP A 159 -14.23 -2.90 19.20
N LYS A 160 -14.00 -2.73 17.91
CA LYS A 160 -15.00 -3.02 16.88
C LYS A 160 -14.35 -3.91 15.82
N ILE A 161 -15.07 -4.95 15.38
CA ILE A 161 -14.68 -5.77 14.21
C ILE A 161 -15.85 -5.73 13.26
N ALA A 162 -15.56 -5.62 11.97
CA ALA A 162 -16.59 -5.48 10.96
C ALA A 162 -16.19 -6.15 9.67
N ILE A 163 -17.16 -6.81 8.99
CA ILE A 163 -16.96 -7.20 7.61
C ILE A 163 -17.68 -6.16 6.73
N TRP A 164 -16.94 -5.60 5.82
CA TRP A 164 -17.40 -4.63 4.81
C TRP A 164 -17.83 -5.35 3.52
N THR A 165 -18.99 -4.97 3.02
CA THR A 165 -19.55 -5.48 1.78
C THR A 165 -19.87 -4.31 0.81
N THR A 166 -19.99 -4.67 -0.47
CA THR A 166 -19.92 -3.70 -1.55
C THR A 166 -21.28 -3.04 -1.86
N GLU A 167 -22.41 -3.69 -1.52
CA GLU A 167 -23.71 -3.23 -1.99
C GLU A 167 -24.81 -3.45 -0.96
N CYS A 168 -25.23 -2.38 -0.32
CA CYS A 168 -26.14 -2.49 0.82
C CYS A 168 -27.58 -2.91 0.35
N GLU A 169 -27.93 -2.77 -0.98
CA GLU A 169 -29.24 -3.22 -1.53
C GLU A 169 -29.27 -4.66 -2.02
N ASN A 170 -28.12 -5.38 -1.97
CA ASN A 170 -28.09 -6.82 -2.20
C ASN A 170 -28.52 -7.55 -0.91
N ARG A 171 -29.83 -7.57 -0.67
CA ARG A 171 -30.35 -8.12 0.56
C ARG A 171 -29.92 -9.57 0.79
N GLU A 172 -30.05 -10.42 -0.21
CA GLU A 172 -29.77 -11.83 -0.05
C GLU A 172 -28.27 -12.09 0.24
N ALA A 173 -27.35 -11.37 -0.45
CA ALA A 173 -25.93 -11.49 -0.21
C ALA A 173 -25.61 -11.07 1.22
N VAL A 174 -26.12 -9.91 1.64
CA VAL A 174 -25.79 -9.31 2.92
C VAL A 174 -26.30 -10.25 4.05
N THR A 175 -27.54 -10.77 3.91
CA THR A 175 -28.13 -11.58 4.98
C THR A 175 -27.41 -12.93 5.07
N HIS A 176 -26.97 -13.51 3.95
CA HIS A 176 -26.22 -14.76 3.97
C HIS A 176 -24.89 -14.55 4.67
N ILE A 177 -24.16 -13.48 4.32
CA ILE A 177 -22.88 -13.18 4.91
C ILE A 177 -23.04 -13.00 6.45
N GLY A 178 -24.05 -12.27 6.84
CA GLY A 178 -24.34 -12.03 8.25
C GLY A 178 -24.55 -13.30 9.05
N ARG A 179 -25.42 -14.18 8.50
CA ARG A 179 -25.76 -15.46 9.08
CA ARG A 179 -25.75 -15.42 9.18
C ARG A 179 -24.54 -16.37 9.29
N VAL A 180 -23.74 -16.52 8.24
CA VAL A 180 -22.58 -17.35 8.26
C VAL A 180 -21.54 -16.77 9.21
N TYR A 181 -21.37 -15.44 9.19
CA TYR A 181 -20.38 -14.78 10.04
C TYR A 181 -20.70 -15.00 11.53
N LYS A 182 -21.97 -14.80 11.91
CA LYS A 182 -22.39 -15.00 13.30
C LYS A 182 -22.12 -16.45 13.77
N GLU A 183 -22.44 -17.40 12.90
CA GLU A 183 -22.21 -18.82 13.14
C GLU A 183 -20.72 -19.10 13.32
N ARG A 184 -19.87 -18.55 12.42
CA ARG A 184 -18.43 -18.75 12.50
C ARG A 184 -17.78 -18.06 13.72
N LEU A 185 -18.34 -16.96 14.21
CA LEU A 185 -17.87 -16.32 15.45
C LEU A 185 -18.31 -17.12 16.72
N GLY A 186 -19.26 -18.03 16.59
CA GLY A 186 -19.80 -18.80 17.71
C GLY A 186 -20.71 -17.98 18.62
N LEU A 187 -21.28 -16.88 18.12
CA LEU A 187 -22.10 -16.01 18.98
C LEU A 187 -23.47 -16.63 19.33
N PRO A 188 -23.97 -16.50 20.60
CA PRO A 188 -25.34 -16.98 20.87
C PRO A 188 -26.39 -16.25 20.05
N PRO A 189 -27.51 -16.90 19.64
CA PRO A 189 -28.59 -16.15 18.96
C PRO A 189 -29.06 -14.90 19.68
N LYS A 190 -28.86 -14.80 21.02
CA LYS A 190 -29.28 -13.63 21.77
C LYS A 190 -28.45 -12.40 21.46
N ILE A 191 -27.16 -12.59 21.14
CA ILE A 191 -26.32 -11.44 20.76
C ILE A 191 -26.59 -11.14 19.30
N VAL A 192 -27.30 -10.02 19.00
CA VAL A 192 -27.69 -9.66 17.62
C VAL A 192 -26.63 -8.75 17.00
N ILE A 193 -26.13 -9.07 15.77
CA ILE A 193 -25.20 -8.22 14.99
C ILE A 193 -26.06 -7.42 13.97
N GLY A 194 -25.71 -6.16 13.74
CA GLY A 194 -26.41 -5.27 12.83
C GLY A 194 -25.56 -4.97 11.61
N TYR A 195 -26.22 -4.76 10.47
CA TYR A 195 -25.61 -4.28 9.24
C TYR A 195 -26.01 -2.83 9.03
N GLN A 196 -25.02 -1.98 8.89
CA GLN A 196 -25.21 -0.56 8.71
C GLN A 196 -24.62 -0.15 7.37
N SER A 197 -25.45 0.58 6.60
CA SER A 197 -25.01 1.26 5.39
C SER A 197 -23.86 2.24 5.75
N HIS A 198 -22.79 2.32 4.94
CA HIS A 198 -21.76 3.32 5.19
C HIS A 198 -22.29 4.76 5.09
N ALA A 199 -23.19 5.02 4.12
CA ALA A 199 -23.92 6.30 3.98
C ALA A 199 -24.65 6.67 5.27
N ASP A 200 -25.26 5.72 6.00
CA ASP A 200 -25.93 6.06 7.27
C ASP A 200 -24.91 6.29 8.38
N THR A 201 -23.86 5.43 8.47
CA THR A 201 -22.82 5.61 9.47
C THR A 201 -22.15 6.98 9.37
N ALA A 202 -21.90 7.45 8.14
CA ALA A 202 -21.27 8.73 7.84
C ALA A 202 -22.04 9.91 8.44
N THR A 203 -23.37 9.85 8.48
CA THR A 203 -24.18 10.97 8.95
C THR A 203 -24.49 10.80 10.44
N LYS A 204 -24.13 11.82 11.23
CA LYS A 204 -24.33 11.82 12.69
C LYS A 204 -25.65 12.53 13.02
N SER A 205 -26.64 11.73 13.45
CA SER A 205 -28.02 12.19 13.64
C SER A 205 -28.53 12.04 15.09
N GLY A 206 -27.63 11.81 16.04
CA GLY A 206 -27.98 11.58 17.45
C GLY A 206 -27.28 10.37 18.02
N SER A 207 -28.07 9.54 18.71
CA SER A 207 -27.62 8.48 19.63
C SER A 207 -27.22 7.16 18.96
N THR A 208 -27.68 6.84 17.72
CA THR A 208 -27.31 5.57 17.05
C THR A 208 -27.51 5.67 15.53
N THR A 209 -26.83 4.76 14.78
CA THR A 209 -27.03 4.56 13.35
C THR A 209 -28.15 3.54 13.12
N LYS A 210 -28.93 3.72 12.03
CA LYS A 210 -29.93 2.74 11.67
C LYS A 210 -29.26 1.45 11.14
N ASN A 211 -29.64 0.31 11.72
CA ASN A 211 -29.36 -0.97 11.12
C ASN A 211 -30.37 -1.17 10.01
N ARG A 212 -29.93 -1.47 8.77
CA ARG A 212 -30.90 -1.89 7.76
C ARG A 212 -31.18 -3.39 7.78
N PHE A 213 -30.25 -4.22 8.32
CA PHE A 213 -30.53 -5.63 8.59
C PHE A 213 -29.95 -6.04 9.94
N VAL A 214 -30.52 -7.09 10.52
CA VAL A 214 -30.06 -7.69 11.78
C VAL A 214 -30.07 -9.22 11.63
N VAL A 215 -29.11 -9.91 12.26
CA VAL A 215 -29.15 -11.37 12.39
C VAL A 215 -28.67 -11.75 13.81
N HIS B 7 1.29 -16.13 -7.40
CA HIS B 7 1.00 -16.89 -6.17
C HIS B 7 2.21 -16.93 -5.25
N GLY B 8 2.38 -15.80 -4.61
CA GLY B 8 3.66 -15.37 -4.11
C GLY B 8 4.42 -14.61 -5.18
N ALA B 9 3.91 -14.52 -6.43
CA ALA B 9 4.68 -13.91 -7.53
C ALA B 9 4.53 -12.40 -7.51
N ARG B 10 5.58 -11.71 -7.95
CA ARG B 10 5.64 -10.25 -7.94
C ARG B 10 4.75 -9.72 -9.08
N ILE B 11 4.00 -8.65 -8.82
CA ILE B 11 3.22 -7.99 -9.88
C ILE B 11 4.19 -7.08 -10.70
N ILE B 12 4.54 -7.52 -11.93
CA ILE B 12 5.44 -6.78 -12.80
C ILE B 12 4.71 -6.29 -14.05
N TYR B 13 4.83 -5.02 -14.36
CA TYR B 13 4.21 -4.43 -15.57
C TYR B 13 5.31 -3.76 -16.42
N ASP B 14 5.31 -4.05 -17.72
CA ASP B 14 6.22 -3.35 -18.64
C ASP B 14 5.61 -2.03 -19.11
N ARG B 15 6.46 -1.23 -19.77
CA ARG B 15 6.11 0.09 -20.29
CA ARG B 15 6.09 0.07 -20.27
C ARG B 15 4.83 0.05 -21.13
N ALA B 16 4.76 -0.88 -22.13
CA ALA B 16 3.63 -0.92 -23.04
C ALA B 16 2.31 -1.16 -22.33
N PHE B 17 2.30 -2.06 -21.36
CA PHE B 17 1.11 -2.37 -20.61
C PHE B 17 0.67 -1.17 -19.79
N LEU B 18 1.62 -0.49 -19.12
CA LEU B 18 1.27 0.67 -18.29
C LEU B 18 0.70 1.78 -19.18
N MET B 19 1.32 2.02 -20.33
CA MET B 19 0.81 2.98 -21.31
C MET B 19 -0.57 2.60 -21.85
N ALA B 20 -0.86 1.30 -22.11
CA ALA B 20 -2.18 0.88 -22.61
C ALA B 20 -3.25 1.07 -21.55
N CYS B 21 -2.87 1.18 -20.23
CA CYS B 21 -3.82 1.54 -19.17
C CYS B 21 -4.06 3.02 -19.02
N ARG B 22 -3.35 3.86 -19.76
CA ARG B 22 -3.52 5.30 -19.68
C ARG B 22 -4.70 5.72 -20.53
N GLY B 23 -5.59 6.54 -19.97
CA GLY B 23 -6.85 6.90 -20.61
C GLY B 23 -6.71 8.03 -21.60
N GLY B 33 -12.24 -2.67 -14.13
CA GLY B 33 -11.41 -3.38 -13.16
C GLY B 33 -10.00 -2.81 -13.11
N LYS B 34 -9.56 -2.27 -11.94
CA LYS B 34 -8.25 -1.62 -11.87
C LYS B 34 -7.13 -2.63 -11.67
N HIS B 35 -5.94 -2.31 -12.19
CA HIS B 35 -4.76 -3.17 -12.16
C HIS B 35 -3.96 -2.87 -10.92
N PRO B 36 -3.87 -3.78 -9.94
CA PRO B 36 -3.08 -3.49 -8.73
C PRO B 36 -1.58 -3.47 -8.95
N LEU B 37 -0.92 -2.59 -8.19
CA LEU B 37 0.52 -2.54 -8.10
C LEU B 37 1.05 -3.43 -7.00
N GLN B 38 2.31 -3.85 -7.13
CA GLN B 38 3.00 -4.61 -6.06
C GLN B 38 3.03 -3.81 -4.76
N ASN B 39 3.28 -2.49 -4.87
CA ASN B 39 3.47 -1.62 -3.74
C ASN B 39 2.47 -0.49 -3.78
N ARG B 40 2.16 0.04 -2.59
CA ARG B 40 1.53 1.32 -2.49
C ARG B 40 2.64 2.37 -2.54
N TRP B 41 2.37 3.45 -3.25
CA TRP B 41 3.30 4.58 -3.44
C TRP B 41 2.64 5.90 -2.98
N ALA B 42 3.47 6.84 -2.57
CA ALA B 42 3.07 8.14 -2.10
C ALA B 42 3.84 9.18 -2.91
N LEU B 43 3.11 10.14 -3.45
CA LEU B 43 3.68 11.30 -4.11
C LEU B 43 3.81 12.44 -3.09
N TRP B 44 4.99 12.96 -2.99
CA TRP B 44 5.34 14.07 -2.14
C TRP B 44 5.79 15.29 -2.95
N PHE B 45 5.63 16.45 -2.33
CA PHE B 45 6.07 17.73 -2.91
C PHE B 45 6.78 18.55 -1.79
N PHE B 46 7.80 19.35 -2.09
CA PHE B 46 8.33 20.32 -1.12
C PHE B 46 7.99 21.80 -1.49
N LYS B 47 7.26 22.54 -0.64
CA LYS B 47 6.93 23.98 -0.82
C LYS B 47 8.21 24.81 -0.81
N ASN B 48 8.23 25.96 -1.55
CA ASN B 48 9.37 26.88 -1.76
C ASN B 48 9.69 27.91 -0.60
N ASP B 49 9.18 27.72 0.62
CA ASP B 49 9.21 28.75 1.65
C ASP B 49 10.58 28.72 2.34
N LYS B 50 11.49 29.60 1.92
CA LYS B 50 12.85 29.60 2.46
C LYS B 50 12.96 30.16 3.90
N SER B 51 11.85 30.70 4.48
CA SER B 51 11.85 30.98 5.92
C SER B 51 11.74 29.66 6.76
N LYS B 52 11.39 28.53 6.13
CA LYS B 52 11.26 27.24 6.80
C LYS B 52 12.23 26.21 6.23
N THR B 53 12.49 25.18 7.05
CA THR B 53 13.39 24.05 6.74
C THR B 53 12.72 23.11 5.64
N TRP B 54 13.52 22.28 4.90
CA TRP B 54 12.92 21.31 3.94
C TRP B 54 11.88 20.40 4.60
N GLN B 55 12.21 19.84 5.79
CA GLN B 55 11.28 19.01 6.60
C GLN B 55 9.90 19.69 6.76
N ALA B 56 9.94 20.92 7.16
CA ALA B 56 8.77 21.76 7.43
C ALA B 56 7.94 22.04 6.15
N ASN B 57 8.59 22.05 5.02
CA ASN B 57 7.97 22.34 3.73
C ASN B 57 7.46 21.11 2.97
N LEU B 58 7.62 19.95 3.56
CA LEU B 58 7.25 18.67 2.95
C LEU B 58 5.77 18.49 2.99
N ARG B 59 5.15 18.11 1.86
CA ARG B 59 3.70 17.86 1.84
C ARG B 59 3.38 16.57 1.14
N LEU B 60 2.44 15.82 1.69
CA LEU B 60 1.99 14.61 1.08
C LEU B 60 0.88 14.96 0.12
N ILE B 61 1.05 14.63 -1.15
CA ILE B 61 0.02 14.97 -2.12
C ILE B 61 -1.04 13.87 -2.14
N SER B 62 -0.64 12.63 -2.41
CA SER B 62 -1.59 11.51 -2.54
C SER B 62 -0.88 10.15 -2.50
N LYS B 63 -1.62 9.11 -2.20
CA LYS B 63 -1.14 7.74 -2.27
C LYS B 63 -1.99 6.93 -3.24
N PHE B 64 -1.38 5.93 -3.91
CA PHE B 64 -2.08 5.03 -4.82
C PHE B 64 -1.43 3.64 -4.84
N ASP B 65 -2.20 2.62 -5.23
CA ASP B 65 -1.66 1.27 -5.43
C ASP B 65 -2.29 0.55 -6.60
N THR B 66 -2.79 1.35 -7.59
CA THR B 66 -3.25 0.84 -8.87
C THR B 66 -2.67 1.67 -10.00
N VAL B 67 -2.56 1.02 -11.16
CA VAL B 67 -2.08 1.65 -12.39
C VAL B 67 -2.96 2.84 -12.74
N GLU B 68 -4.28 2.66 -12.65
CA GLU B 68 -5.27 3.69 -13.06
C GLU B 68 -5.27 4.90 -12.10
N ASP B 69 -5.08 4.64 -10.80
CA ASP B 69 -4.93 5.72 -9.81
C ASP B 69 -3.62 6.47 -10.03
N PHE B 70 -2.56 5.75 -10.43
CA PHE B 70 -1.29 6.40 -10.84
C PHE B 70 -1.55 7.42 -11.97
N TRP B 71 -2.16 6.98 -13.06
CA TRP B 71 -2.38 7.84 -14.20
C TRP B 71 -3.28 9.04 -13.88
N ALA B 72 -4.32 8.87 -13.05
CA ALA B 72 -5.22 9.96 -12.70
C ALA B 72 -4.43 11.01 -11.91
N LEU B 73 -3.59 10.57 -10.97
CA LEU B 73 -2.71 11.49 -10.25
C LEU B 73 -1.69 12.18 -11.17
N TYR B 74 -0.97 11.41 -12.00
CA TYR B 74 0.04 11.94 -12.90
C TYR B 74 -0.58 12.98 -13.85
N ASN B 75 -1.72 12.67 -14.41
CA ASN B 75 -2.43 13.58 -15.33
C ASN B 75 -2.82 14.90 -14.62
N HIS B 76 -3.31 14.80 -13.39
CA HIS B 76 -3.72 15.93 -12.56
C HIS B 76 -2.57 16.85 -12.18
N ILE B 77 -1.44 16.28 -11.75
CA ILE B 77 -0.24 17.07 -11.44
C ILE B 77 0.30 17.73 -12.67
N GLN B 78 0.39 16.95 -13.80
CA GLN B 78 1.01 17.38 -15.06
C GLN B 78 0.26 18.63 -15.56
N LEU B 79 -1.08 18.67 -15.49
CA LEU B 79 -1.82 19.88 -15.87
C LEU B 79 -1.73 21.02 -14.80
N SER B 80 -1.70 20.73 -13.46
CA SER B 80 -1.74 21.79 -12.46
C SER B 80 -0.39 22.25 -11.82
N SER B 81 0.76 21.78 -12.32
CA SER B 81 2.02 21.96 -11.57
C SER B 81 2.59 23.35 -11.76
N ASN B 82 2.34 24.01 -12.90
CA ASN B 82 2.76 25.42 -13.06
C ASN B 82 2.17 26.34 -11.95
N LEU B 83 1.03 25.95 -11.36
CA LEU B 83 0.31 26.66 -10.31
C LEU B 83 0.67 26.19 -8.87
N MET B 84 1.54 25.16 -8.71
CA MET B 84 1.85 24.64 -7.36
C MET B 84 3.07 25.40 -6.80
N PRO B 85 3.05 25.78 -5.51
CA PRO B 85 4.13 26.63 -4.99
C PRO B 85 5.47 25.89 -4.64
N GLY B 86 6.17 25.44 -5.69
CA GLY B 86 7.46 24.75 -5.55
C GLY B 86 7.82 23.80 -6.69
N CYS B 87 9.01 23.17 -6.58
CA CYS B 87 9.78 22.71 -7.72
C CYS B 87 10.44 21.32 -7.45
N ASP B 88 9.85 20.50 -6.55
CA ASP B 88 10.52 19.29 -6.10
C ASP B 88 9.47 18.22 -5.79
N TYR B 89 9.49 17.07 -6.52
CA TYR B 89 8.49 16.01 -6.33
C TYR B 89 9.24 14.73 -6.05
N SER B 90 8.62 13.86 -5.27
CA SER B 90 9.17 12.58 -4.92
C SER B 90 8.09 11.50 -4.92
N LEU B 91 8.38 10.34 -5.45
CA LEU B 91 7.49 9.20 -5.38
C LEU B 91 8.17 8.13 -4.57
N PHE B 92 7.64 7.79 -3.38
CA PHE B 92 8.25 6.79 -2.50
C PHE B 92 7.32 5.70 -2.10
N LYS B 93 7.89 4.52 -1.82
CA LYS B 93 7.06 3.41 -1.31
C LYS B 93 6.35 3.86 -0.01
N ASP B 94 5.15 3.40 0.18
CA ASP B 94 4.31 3.75 1.34
C ASP B 94 5.10 3.42 2.65
N GLY B 95 5.20 4.39 3.56
CA GLY B 95 5.98 4.20 4.77
C GLY B 95 7.42 4.68 4.72
N ILE B 96 7.88 5.18 3.57
CA ILE B 96 9.21 5.77 3.47
C ILE B 96 9.07 7.26 3.24
N GLU B 97 9.64 8.07 4.13
CA GLU B 97 9.70 9.51 3.89
C GLU B 97 10.82 9.84 2.89
N PRO B 98 10.61 10.85 2.01
CA PRO B 98 11.63 11.20 1.01
C PRO B 98 12.75 12.07 1.59
N MET B 99 13.35 11.57 2.68
CA MET B 99 14.43 12.24 3.44
C MET B 99 15.49 11.18 3.71
N TRP B 100 16.74 11.53 3.55
CA TRP B 100 17.82 10.53 3.60
C TRP B 100 17.98 9.95 5.01
N GLU B 101 17.47 10.64 6.07
CA GLU B 101 17.53 10.20 7.46
C GLU B 101 16.50 9.15 7.79
N ASP B 102 15.50 8.89 6.89
CA ASP B 102 14.59 7.77 7.06
C ASP B 102 15.38 6.46 7.21
N GLU B 103 14.90 5.56 8.07
CA GLU B 103 15.54 4.25 8.33
C GLU B 103 15.85 3.49 7.01
N LYS B 104 14.91 3.56 6.05
CA LYS B 104 15.07 2.89 4.75
C LYS B 104 15.98 3.62 3.78
N ASN B 105 16.38 4.86 4.05
CA ASN B 105 17.27 5.64 3.20
C ASN B 105 18.66 5.87 3.78
N LYS B 106 18.82 5.83 5.10
CA LYS B 106 20.08 6.26 5.73
C LYS B 106 21.31 5.48 5.27
N ARG B 107 21.15 4.20 5.00
CA ARG B 107 22.25 3.38 4.48
C ARG B 107 22.34 3.29 2.96
N GLY B 108 21.54 4.09 2.27
CA GLY B 108 21.37 3.97 0.86
C GLY B 108 22.05 5.07 0.09
N GLY B 109 21.56 5.26 -1.10
CA GLY B 109 22.06 6.22 -2.06
C GLY B 109 21.14 6.33 -3.26
N ARG B 110 21.65 6.93 -4.34
CA ARG B 110 20.82 7.28 -5.48
C ARG B 110 21.60 7.15 -6.77
N TRP B 111 20.96 6.63 -7.80
CA TRP B 111 21.34 6.77 -9.21
C TRP B 111 20.84 8.10 -9.72
N LEU B 112 21.79 8.98 -10.14
CA LEU B 112 21.48 10.39 -10.43
C LEU B 112 21.64 10.69 -11.90
N ILE B 113 20.66 11.34 -12.48
CA ILE B 113 20.63 11.86 -13.85
C ILE B 113 20.63 13.37 -13.72
N THR B 114 21.62 14.02 -14.29
CA THR B 114 21.71 15.47 -14.32
C THR B 114 21.37 15.91 -15.73
N LEU B 115 20.45 16.88 -15.85
CA LEU B 115 19.93 17.38 -17.11
C LEU B 115 20.28 18.86 -17.19
N ASN B 116 21.24 19.18 -18.00
CA ASN B 116 21.66 20.57 -18.13
C ASN B 116 20.68 21.29 -19.08
N LYS B 117 20.18 22.49 -18.67
CA LYS B 117 19.34 23.48 -19.38
C LYS B 117 18.55 23.00 -20.67
N GLN B 118 19.25 22.70 -21.81
CA GLN B 118 18.59 22.26 -23.07
C GLN B 118 17.65 21.06 -22.76
N GLN B 119 18.18 20.10 -21.97
CA GLN B 119 17.50 18.86 -21.56
C GLN B 119 16.28 19.08 -20.62
N ARG B 120 16.01 20.30 -20.14
CA ARG B 120 14.75 20.59 -19.44
C ARG B 120 13.59 20.55 -20.42
N ARG B 121 13.75 21.25 -21.54
CA ARG B 121 12.67 21.35 -22.54
C ARG B 121 12.50 19.98 -23.20
N SER B 122 13.58 19.40 -23.63
CA SER B 122 13.57 18.17 -24.39
C SER B 122 13.27 16.93 -23.50
N ASP B 123 13.99 16.74 -22.38
CA ASP B 123 14.07 15.44 -21.72
C ASP B 123 13.39 15.32 -20.35
N LEU B 124 13.08 16.43 -19.64
CA LEU B 124 12.63 16.32 -18.25
C LEU B 124 11.34 15.48 -18.12
N ASN B 125 10.30 15.83 -18.85
CA ASN B 125 9.01 15.15 -18.73
C ASN B 125 9.11 13.65 -19.08
N ARG B 126 9.84 13.32 -20.17
CA ARG B 126 9.94 11.93 -20.64
C ARG B 126 10.77 11.13 -19.59
N PHE B 127 11.91 11.69 -19.12
CA PHE B 127 12.76 11.01 -18.13
C PHE B 127 12.05 10.82 -16.81
N TRP B 128 11.28 11.80 -16.33
CA TRP B 128 10.53 11.62 -15.07
C TRP B 128 9.52 10.50 -15.19
N LEU B 129 8.75 10.50 -16.31
CA LEU B 129 7.73 9.46 -16.47
C LEU B 129 8.34 8.08 -16.59
N GLU B 130 9.42 7.94 -17.37
CA GLU B 130 10.07 6.64 -17.52
C GLU B 130 10.58 6.12 -16.14
N THR B 131 11.09 7.02 -15.30
CA THR B 131 11.50 6.72 -13.92
C THR B 131 10.34 6.14 -13.10
N LEU B 132 9.20 6.88 -13.08
CA LEU B 132 8.00 6.48 -12.35
C LEU B 132 7.50 5.09 -12.85
N LEU B 133 7.51 4.83 -14.17
CA LEU B 133 7.10 3.53 -14.72
C LEU B 133 8.00 2.37 -14.28
N CYS B 134 9.31 2.59 -14.18
CA CYS B 134 10.26 1.62 -13.59
C CYS B 134 9.93 1.28 -12.16
N LEU B 135 9.56 2.30 -11.36
CA LEU B 135 9.20 2.09 -9.95
C LEU B 135 7.91 1.29 -9.86
N ILE B 136 6.83 1.82 -10.39
CA ILE B 136 5.50 1.24 -10.13
C ILE B 136 5.36 -0.14 -10.81
N GLY B 137 6.04 -0.34 -11.93
CA GLY B 137 5.99 -1.59 -12.67
C GLY B 137 6.95 -2.64 -12.17
N GLU B 138 7.78 -2.35 -11.13
CA GLU B 138 8.70 -3.32 -10.53
C GLU B 138 9.67 -3.89 -11.58
N SER B 139 10.31 -2.97 -12.33
CA SER B 139 11.11 -3.28 -13.52
C SER B 139 12.48 -3.86 -13.23
N PHE B 140 12.87 -3.99 -11.96
CA PHE B 140 14.20 -4.41 -11.61
C PHE B 140 14.20 -5.83 -11.02
N ASP B 141 13.17 -6.64 -11.27
CA ASP B 141 13.09 -8.01 -10.78
C ASP B 141 13.11 -8.01 -9.21
N ASP B 142 13.75 -8.96 -8.56
CA ASP B 142 13.77 -9.04 -7.10
C ASP B 142 14.52 -7.81 -6.53
N TYR B 143 15.49 -7.22 -7.28
CA TYR B 143 16.17 -6.01 -6.86
C TYR B 143 15.26 -4.78 -6.76
N SER B 144 14.04 -4.89 -7.24
CA SER B 144 13.02 -3.84 -7.05
C SER B 144 12.73 -3.58 -5.57
N ASP B 145 12.91 -4.61 -4.73
CA ASP B 145 12.79 -4.47 -3.28
C ASP B 145 13.83 -3.50 -2.71
N ASP B 146 14.98 -3.29 -3.38
CA ASP B 146 15.98 -2.32 -2.91
C ASP B 146 15.56 -0.88 -3.17
N VAL B 147 14.54 -0.65 -4.03
CA VAL B 147 14.14 0.70 -4.45
C VAL B 147 13.30 1.31 -3.33
N CYS B 148 13.63 2.55 -2.98
CA CYS B 148 12.86 3.33 -2.04
C CYS B 148 11.88 4.26 -2.73
N GLY B 149 12.37 4.93 -3.75
CA GLY B 149 11.63 5.95 -4.46
C GLY B 149 12.46 6.71 -5.47
N ALA B 150 11.87 7.76 -6.03
CA ALA B 150 12.53 8.65 -7.00
C ALA B 150 12.21 10.10 -6.67
N VAL B 151 13.12 10.98 -7.06
CA VAL B 151 13.06 12.41 -6.75
C VAL B 151 13.37 13.19 -8.05
N VAL B 152 12.59 14.22 -8.34
CA VAL B 152 12.89 15.20 -9.37
C VAL B 152 13.06 16.58 -8.70
N ASN B 153 14.20 17.20 -8.91
CA ASN B 153 14.52 18.56 -8.44
C ASN B 153 14.57 19.48 -9.68
N VAL B 154 13.65 20.44 -9.75
CA VAL B 154 13.53 21.35 -10.86
C VAL B 154 14.30 22.61 -10.46
N ARG B 155 15.39 22.93 -11.18
CA ARG B 155 16.24 24.08 -10.83
C ARG B 155 16.58 24.93 -12.04
N ALA B 156 16.95 26.20 -11.75
CA ALA B 156 17.39 27.16 -12.77
C ALA B 156 18.62 26.63 -13.53
N LYS B 157 19.68 26.19 -12.83
CA LYS B 157 20.95 25.75 -13.39
C LYS B 157 20.85 24.40 -14.13
N GLY B 158 19.91 23.55 -13.73
CA GLY B 158 19.68 22.27 -14.39
C GLY B 158 19.00 21.25 -13.48
N ASP B 159 18.13 20.44 -14.06
CA ASP B 159 17.24 19.53 -13.33
C ASP B 159 17.98 18.26 -12.92
N LYS B 160 17.49 17.59 -11.87
CA LYS B 160 18.06 16.33 -11.43
C LYS B 160 16.91 15.31 -11.27
N ILE B 161 17.11 14.09 -11.75
CA ILE B 161 16.19 12.95 -11.49
C ILE B 161 17.06 11.86 -10.88
N ALA B 162 16.52 11.17 -9.86
CA ALA B 162 17.26 10.15 -9.15
C ALA B 162 16.37 9.01 -8.69
N ILE B 163 16.88 7.77 -8.79
CA ILE B 163 16.26 6.66 -8.09
C ILE B 163 17.04 6.41 -6.79
N TRP B 164 16.34 6.44 -5.69
CA TRP B 164 16.86 6.16 -4.33
C TRP B 164 16.71 4.67 -3.99
N THR B 165 17.79 4.11 -3.48
CA THR B 165 17.83 2.71 -3.03
C THR B 165 18.30 2.63 -1.56
N THR B 166 17.98 1.50 -0.94
CA THR B 166 18.00 1.35 0.49
C THR B 166 19.42 1.02 1.06
N GLU B 167 20.33 0.43 0.24
CA GLU B 167 21.60 -0.10 0.78
C GLU B 167 22.75 0.09 -0.22
N CYS B 168 23.60 1.06 0.08
CA CYS B 168 24.64 1.45 -0.87
C CYS B 168 25.73 0.35 -1.03
N GLU B 169 25.87 -0.62 -0.10
CA GLU B 169 26.82 -1.72 -0.22
C GLU B 169 26.30 -2.94 -0.98
N ASN B 170 25.00 -2.98 -1.33
CA ASN B 170 24.45 -4.06 -2.15
C ASN B 170 24.84 -3.80 -3.61
N ARG B 171 26.09 -4.05 -3.99
CA ARG B 171 26.61 -3.72 -5.33
C ARG B 171 25.81 -4.42 -6.42
N GLU B 172 25.43 -5.73 -6.26
CA GLU B 172 24.69 -6.42 -7.32
C GLU B 172 23.30 -5.81 -7.54
N ALA B 173 22.54 -5.49 -6.48
CA ALA B 173 21.25 -4.85 -6.59
C ALA B 173 21.39 -3.47 -7.26
N VAL B 174 22.34 -2.68 -6.77
CA VAL B 174 22.51 -1.30 -7.19
C VAL B 174 22.91 -1.29 -8.68
N THR B 175 23.86 -2.18 -9.07
CA THR B 175 24.37 -2.18 -10.44
C THR B 175 23.27 -2.68 -11.42
N HIS B 176 22.44 -3.64 -11.02
CA HIS B 176 21.35 -4.11 -11.86
C HIS B 176 20.34 -3.02 -12.07
N ILE B 177 19.95 -2.30 -10.98
CA ILE B 177 19.03 -1.17 -11.01
C ILE B 177 19.55 -0.14 -12.02
N GLY B 178 20.81 0.24 -11.85
CA GLY B 178 21.48 1.23 -12.68
C GLY B 178 21.44 0.88 -14.15
N ARG B 179 21.80 -0.37 -14.48
CA ARG B 179 21.83 -0.87 -15.89
C ARG B 179 20.45 -0.84 -16.53
N VAL B 180 19.43 -1.33 -15.82
CA VAL B 180 18.08 -1.37 -16.36
C VAL B 180 17.56 0.05 -16.49
N TYR B 181 17.86 0.92 -15.53
CA TYR B 181 17.39 2.31 -15.55
C TYR B 181 17.95 3.04 -16.76
N LYS B 182 19.27 2.92 -16.99
CA LYS B 182 19.92 3.57 -18.13
C LYS B 182 19.31 3.10 -19.47
N GLU B 183 19.08 1.81 -19.59
CA GLU B 183 18.45 1.20 -20.74
C GLU B 183 17.01 1.76 -20.93
N ARG B 184 16.21 1.82 -19.86
CA ARG B 184 14.86 2.33 -19.94
C ARG B 184 14.79 3.85 -20.25
N LEU B 185 15.80 4.63 -19.84
CA LEU B 185 15.88 6.04 -20.20
C LEU B 185 16.32 6.24 -21.67
N GLY B 186 16.85 5.21 -22.33
CA GLY B 186 17.36 5.29 -23.69
C GLY B 186 18.69 6.00 -23.80
N LEU B 187 19.46 6.09 -22.71
CA LEU B 187 20.71 6.87 -22.75
C LEU B 187 21.83 6.14 -23.55
N PRO B 188 22.63 6.83 -24.40
CA PRO B 188 23.76 6.14 -25.04
C PRO B 188 24.78 5.60 -24.03
N PRO B 189 25.45 4.45 -24.28
CA PRO B 189 26.52 4.02 -23.37
C PRO B 189 27.61 5.07 -23.07
N LYS B 190 27.83 6.00 -24.01
CA LYS B 190 28.69 7.19 -23.85
C LYS B 190 28.35 8.07 -22.63
N ILE B 191 27.03 8.28 -22.33
CA ILE B 191 26.59 9.09 -21.18
C ILE B 191 26.60 8.20 -19.97
N VAL B 192 27.58 8.40 -19.05
CA VAL B 192 27.73 7.57 -17.85
C VAL B 192 27.00 8.17 -16.67
N ILE B 193 26.35 7.30 -15.89
CA ILE B 193 25.58 7.77 -14.76
C ILE B 193 26.22 7.25 -13.49
N GLY B 194 26.09 8.03 -12.42
CA GLY B 194 26.76 7.70 -11.18
C GLY B 194 25.78 7.40 -10.05
N TYR B 195 26.17 6.50 -9.16
CA TYR B 195 25.48 6.19 -7.91
C TYR B 195 26.26 6.79 -6.76
N GLN B 196 25.59 7.63 -5.96
CA GLN B 196 26.18 8.32 -4.82
C GLN B 196 25.48 7.89 -3.53
N SER B 197 26.29 7.52 -2.56
CA SER B 197 25.83 7.26 -1.18
C SER B 197 25.18 8.54 -0.63
N HIS B 198 24.07 8.42 0.10
CA HIS B 198 23.47 9.61 0.75
C HIS B 198 24.43 10.23 1.80
N ALA B 199 25.13 9.38 2.57
CA ALA B 199 26.20 9.79 3.49
C ALA B 199 27.28 10.66 2.80
N ASP B 200 27.68 10.36 1.53
CA ASP B 200 28.63 11.20 0.83
C ASP B 200 27.99 12.48 0.33
N THR B 201 26.77 12.40 -0.22
CA THR B 201 26.05 13.58 -0.68
C THR B 201 25.82 14.62 0.44
N ALA B 202 25.52 14.14 1.65
CA ALA B 202 25.32 14.95 2.84
C ALA B 202 26.52 15.81 3.20
N THR B 203 27.75 15.34 2.94
CA THR B 203 28.95 16.09 3.29
C THR B 203 29.38 16.95 2.10
N LYS B 204 29.53 18.26 2.32
CA LYS B 204 29.88 19.22 1.26
C LYS B 204 31.41 19.44 1.26
N SER B 205 32.05 18.92 0.20
CA SER B 205 33.51 18.83 0.09
C SER B 205 34.05 19.57 -1.15
N GLY B 206 33.26 20.44 -1.78
CA GLY B 206 33.60 21.15 -3.01
C GLY B 206 32.47 21.15 -4.03
N SER B 207 32.80 21.02 -5.33
CA SER B 207 31.75 21.11 -6.39
C SER B 207 31.12 19.77 -6.71
N THR B 208 31.76 18.65 -6.32
CA THR B 208 31.25 17.33 -6.69
C THR B 208 31.21 16.38 -5.49
N THR B 209 30.42 15.30 -5.66
CA THR B 209 30.23 14.21 -4.71
C THR B 209 30.71 12.91 -5.40
N LYS B 210 31.51 12.11 -4.67
CA LYS B 210 32.08 10.83 -5.13
C LYS B 210 30.96 9.91 -5.61
N ASN B 211 31.20 9.21 -6.72
CA ASN B 211 30.43 8.05 -7.14
C ASN B 211 30.99 6.79 -6.54
N ARG B 212 30.12 5.99 -5.94
CA ARG B 212 30.43 4.67 -5.41
C ARG B 212 30.51 3.71 -6.65
N PHE B 213 29.55 3.81 -7.59
CA PHE B 213 29.41 2.99 -8.80
C PHE B 213 29.06 3.88 -10.00
N VAL B 214 29.36 3.38 -11.19
CA VAL B 214 29.04 4.03 -12.47
C VAL B 214 28.50 2.96 -13.44
N VAL B 215 27.55 3.33 -14.29
CA VAL B 215 27.13 2.50 -15.42
C VAL B 215 26.95 3.37 -16.66
#